data_1XXB
#
_entry.id   1XXB
#
_cell.length_a   53.500
_cell.length_b   85.400
_cell.length_c   217.000
_cell.angle_alpha   90.00
_cell.angle_beta   90.00
_cell.angle_gamma   90.00
#
_symmetry.space_group_name_H-M   'C 2 2 21'
#
loop_
_entity.id
_entity.type
_entity.pdbx_description
1 polymer 'ARGININE REPRESSOR'
2 non-polymer ARGININE
3 water water
#
_entity_poly.entity_id   1
_entity_poly.type   'polypeptide(L)'
_entity_poly.pdbx_seq_one_letter_code
;MSPLKNLVLDIDYNDAVVVIHTSPGAAQLIARLLDSLGKAEGILGTIAGDDTIFTTPANGFTVKDLYEAILELFDQEL
;
_entity_poly.pdbx_strand_id   A,B,C,D,E,F
#
# COMPACT_ATOMS: atom_id res chain seq x y z
N LEU A 4 -12.66 -13.51 9.60
CA LEU A 4 -13.77 -13.39 10.53
C LEU A 4 -13.27 -12.66 11.77
N LYS A 5 -14.19 -11.99 12.49
CA LYS A 5 -13.90 -11.21 13.71
C LYS A 5 -12.48 -11.30 14.30
N ASN A 6 -12.01 -12.53 14.49
CA ASN A 6 -10.68 -12.83 15.02
C ASN A 6 -9.61 -11.82 14.58
N LEU A 7 -9.59 -11.50 13.28
CA LEU A 7 -8.61 -10.58 12.69
C LEU A 7 -8.41 -9.22 13.39
N VAL A 8 -9.48 -8.71 13.99
CA VAL A 8 -9.44 -7.43 14.69
C VAL A 8 -8.93 -7.64 16.10
N LEU A 9 -7.65 -7.36 16.34
CA LEU A 9 -7.10 -7.51 17.68
C LEU A 9 -7.73 -6.60 18.77
N ASP A 10 -7.30 -5.35 18.90
CA ASP A 10 -7.88 -4.45 19.92
C ASP A 10 -8.47 -3.16 19.33
N ILE A 11 -9.40 -2.58 20.09
CA ILE A 11 -10.07 -1.33 19.73
C ILE A 11 -9.91 -0.44 20.95
N ASP A 12 -9.58 0.82 20.75
CA ASP A 12 -9.43 1.76 21.87
C ASP A 12 -9.48 3.13 21.23
N TYR A 13 -9.31 4.19 22.03
CA TYR A 13 -9.30 5.55 21.51
C TYR A 13 -8.66 6.56 22.45
N ASN A 14 -8.72 7.83 22.02
CA ASN A 14 -8.16 8.95 22.75
C ASN A 14 -8.80 10.28 22.33
N ASP A 15 -8.02 11.36 22.40
CA ASP A 15 -8.46 12.71 22.05
C ASP A 15 -8.84 12.90 20.58
N ALA A 16 -8.07 12.26 19.69
CA ALA A 16 -8.28 12.43 18.26
C ALA A 16 -8.89 11.29 17.48
N VAL A 17 -8.35 10.11 17.66
CA VAL A 17 -8.83 9.00 16.87
C VAL A 17 -9.03 7.72 17.64
N VAL A 18 -9.63 6.74 16.96
CA VAL A 18 -9.84 5.42 17.51
C VAL A 18 -8.82 4.57 16.74
N VAL A 19 -8.12 3.67 17.42
CA VAL A 19 -7.12 2.86 16.75
C VAL A 19 -7.43 1.36 16.84
N ILE A 20 -7.73 0.76 15.69
CA ILE A 20 -8.07 -0.66 15.61
C ILE A 20 -6.87 -1.44 15.07
N HIS A 21 -6.37 -2.39 15.83
CA HIS A 21 -5.24 -3.15 15.33
C HIS A 21 -5.72 -4.42 14.71
N THR A 22 -4.97 -4.95 13.75
CA THR A 22 -5.36 -6.17 13.08
C THR A 22 -4.18 -7.10 12.91
N SER A 23 -4.46 -8.30 12.40
CA SER A 23 -3.39 -9.27 12.14
C SER A 23 -2.80 -8.71 10.88
N PRO A 24 -1.48 -8.85 10.67
CA PRO A 24 -0.83 -8.34 9.47
C PRO A 24 -1.70 -8.46 8.22
N GLY A 25 -1.79 -7.36 7.47
CA GLY A 25 -2.57 -7.33 6.25
C GLY A 25 -4.08 -7.18 6.27
N ALA A 26 -4.72 -7.32 7.43
CA ALA A 26 -6.19 -7.21 7.45
C ALA A 26 -6.79 -5.82 7.73
N ALA A 27 -5.92 -4.83 7.97
CA ALA A 27 -6.31 -3.44 8.26
C ALA A 27 -7.19 -2.80 7.19
N GLN A 28 -6.88 -3.10 5.93
CA GLN A 28 -7.60 -2.57 4.77
C GLN A 28 -8.94 -3.28 4.57
N LEU A 29 -9.04 -4.49 5.11
CA LEU A 29 -10.26 -5.29 4.99
C LEU A 29 -11.28 -4.89 6.06
N ILE A 30 -10.82 -4.80 7.31
CA ILE A 30 -11.66 -4.40 8.43
C ILE A 30 -11.97 -2.92 8.34
N ALA A 31 -10.98 -2.12 7.91
CA ALA A 31 -11.21 -0.68 7.73
C ALA A 31 -12.34 -0.54 6.71
N ARG A 32 -12.40 -1.51 5.80
CA ARG A 32 -13.40 -1.58 4.73
C ARG A 32 -14.78 -1.80 5.32
N LEU A 33 -14.83 -2.55 6.43
CA LEU A 33 -16.08 -2.80 7.12
C LEU A 33 -16.61 -1.44 7.54
N LEU A 34 -15.73 -0.63 8.14
CA LEU A 34 -16.07 0.68 8.66
C LEU A 34 -16.65 1.60 7.60
N ASP A 35 -16.15 1.48 6.39
CA ASP A 35 -16.62 2.30 5.29
C ASP A 35 -18.06 1.97 4.91
N SER A 36 -18.66 1.02 5.65
CA SER A 36 -20.05 0.59 5.46
C SER A 36 -20.93 1.56 6.24
N LEU A 37 -20.30 2.27 7.18
CA LEU A 37 -20.99 3.24 8.01
C LEU A 37 -21.27 4.55 7.29
N GLY A 38 -20.51 5.60 7.58
CA GLY A 38 -20.74 6.87 6.92
C GLY A 38 -20.95 8.03 7.86
N LYS A 39 -20.97 9.23 7.30
CA LYS A 39 -21.13 10.43 8.10
C LYS A 39 -22.32 10.36 9.06
N ALA A 40 -23.47 9.93 8.56
CA ALA A 40 -24.71 9.83 9.36
C ALA A 40 -24.65 8.89 10.56
N GLU A 41 -23.49 8.29 10.80
CA GLU A 41 -23.35 7.38 11.92
C GLU A 41 -22.08 7.65 12.72
N GLY A 42 -21.57 8.89 12.60
CA GLY A 42 -20.39 9.28 13.34
C GLY A 42 -19.09 9.28 12.56
N ILE A 43 -18.83 8.19 11.84
CA ILE A 43 -17.63 8.05 11.05
C ILE A 43 -17.45 9.18 10.03
N LEU A 44 -16.32 9.89 10.14
CA LEU A 44 -15.94 10.95 9.21
C LEU A 44 -14.99 10.37 8.16
N GLY A 45 -14.10 9.46 8.58
CA GLY A 45 -13.17 8.86 7.64
C GLY A 45 -12.38 7.74 8.27
N THR A 46 -11.71 6.93 7.45
CA THR A 46 -10.93 5.83 7.97
C THR A 46 -9.76 5.55 7.06
N ILE A 47 -8.60 5.33 7.66
CA ILE A 47 -7.35 5.02 6.97
C ILE A 47 -6.75 3.77 7.60
N ALA A 48 -6.34 2.83 6.76
CA ALA A 48 -5.74 1.62 7.24
C ALA A 48 -4.35 1.57 6.63
N GLY A 49 -3.41 0.97 7.35
CA GLY A 49 -2.05 0.83 6.85
C GLY A 49 -1.91 -0.65 6.51
N ASP A 50 -1.19 -1.39 7.33
CA ASP A 50 -1.04 -2.84 7.12
C ASP A 50 -1.88 -3.48 8.21
N ASP A 51 -1.70 -3.02 9.44
CA ASP A 51 -2.40 -3.56 10.58
C ASP A 51 -2.87 -2.54 11.62
N THR A 52 -3.10 -1.30 11.22
CA THR A 52 -3.59 -0.29 12.14
C THR A 52 -4.54 0.60 11.36
N ILE A 53 -5.65 0.94 11.98
CA ILE A 53 -6.70 1.73 11.37
C ILE A 53 -6.99 2.94 12.24
N PHE A 54 -7.01 4.12 11.65
CA PHE A 54 -7.27 5.33 12.40
C PHE A 54 -8.60 5.89 11.96
N THR A 55 -9.67 5.66 12.69
CA THR A 55 -10.95 6.25 12.29
C THR A 55 -11.24 7.43 13.22
N THR A 56 -11.86 8.47 12.68
CA THR A 56 -12.13 9.68 13.46
C THR A 56 -13.63 10.07 13.32
N PRO A 57 -14.21 10.69 14.37
CA PRO A 57 -15.60 11.15 14.48
C PRO A 57 -15.92 12.44 13.76
N ALA A 58 -17.11 12.47 13.16
CA ALA A 58 -17.61 13.62 12.43
C ALA A 58 -18.08 14.57 13.48
N ASN A 59 -18.37 15.81 13.10
CA ASN A 59 -18.86 16.78 14.07
C ASN A 59 -20.20 16.30 14.66
N GLY A 60 -20.39 16.50 15.96
CA GLY A 60 -21.61 16.07 16.63
C GLY A 60 -21.37 14.87 17.54
N PHE A 61 -20.61 13.89 17.03
CA PHE A 61 -20.28 12.71 17.80
C PHE A 61 -18.96 12.98 18.48
N THR A 62 -18.50 12.05 19.31
CA THR A 62 -17.24 12.21 20.01
C THR A 62 -16.41 10.98 19.74
N VAL A 63 -15.14 11.05 20.08
CA VAL A 63 -14.28 9.90 19.89
C VAL A 63 -14.86 8.77 20.75
N LYS A 64 -15.63 9.14 21.78
CA LYS A 64 -16.25 8.15 22.65
C LYS A 64 -17.44 7.50 21.92
N ASP A 65 -18.35 8.33 21.41
CA ASP A 65 -19.53 7.89 20.65
C ASP A 65 -19.15 6.95 19.54
N LEU A 66 -18.15 7.38 18.76
CA LEU A 66 -17.62 6.62 17.63
C LEU A 66 -17.11 5.26 18.08
N TYR A 67 -16.40 5.23 19.20
CA TYR A 67 -15.84 4.01 19.74
C TYR A 67 -16.91 2.94 19.99
N GLU A 68 -17.92 3.29 20.78
CA GLU A 68 -19.00 2.35 21.09
C GLU A 68 -19.69 1.88 19.81
N ALA A 69 -19.90 2.81 18.86
CA ALA A 69 -20.54 2.51 17.58
C ALA A 69 -19.79 1.48 16.76
N ILE A 70 -18.47 1.46 16.90
CA ILE A 70 -17.69 0.49 16.16
C ILE A 70 -17.86 -0.87 16.80
N LEU A 71 -17.86 -0.94 18.13
CA LEU A 71 -18.05 -2.21 18.86
C LEU A 71 -19.40 -2.81 18.44
N GLU A 72 -20.37 -1.91 18.29
CA GLU A 72 -21.73 -2.22 17.87
C GLU A 72 -21.59 -2.88 16.51
N LEU A 73 -20.91 -2.19 15.59
CA LEU A 73 -20.68 -2.69 14.23
C LEU A 73 -20.00 -4.06 14.21
N PHE A 74 -19.12 -4.25 15.19
CA PHE A 74 -18.38 -5.49 15.32
C PHE A 74 -19.15 -6.44 16.20
N PRO B 3 17.15 -0.40 9.54
CA PRO B 3 16.76 0.98 9.27
C PRO B 3 17.81 2.02 9.67
N LEU B 4 18.29 2.79 8.69
CA LEU B 4 19.28 3.84 8.94
C LEU B 4 18.54 5.11 9.33
N LYS B 5 19.16 5.90 10.19
CA LYS B 5 18.55 7.13 10.66
C LYS B 5 18.26 8.07 9.48
N ASN B 6 18.94 7.85 8.36
CA ASN B 6 18.74 8.68 7.17
C ASN B 6 17.35 8.52 6.57
N LEU B 7 16.75 7.36 6.77
CA LEU B 7 15.41 7.11 6.25
C LEU B 7 14.43 8.12 6.85
N VAL B 8 14.76 8.61 8.04
CA VAL B 8 13.93 9.56 8.77
C VAL B 8 14.36 11.02 8.44
N LEU B 9 13.49 11.72 7.70
CA LEU B 9 13.73 13.09 7.26
C LEU B 9 13.37 14.20 8.25
N ASP B 10 12.29 14.01 9.02
CA ASP B 10 11.87 15.03 10.00
C ASP B 10 10.75 14.58 10.95
N ILE B 11 10.86 14.97 12.22
CA ILE B 11 9.84 14.65 13.24
C ILE B 11 9.30 15.99 13.77
N ASP B 12 7.99 16.10 13.88
CA ASP B 12 7.35 17.32 14.37
C ASP B 12 6.03 16.85 14.92
N TYR B 13 5.20 17.77 15.43
CA TYR B 13 3.91 17.39 15.99
C TYR B 13 2.95 18.54 16.31
N ASN B 14 1.78 18.18 16.81
CA ASN B 14 0.75 19.12 17.18
C ASN B 14 -0.10 18.50 18.31
N ASP B 15 -1.34 18.95 18.47
CA ASP B 15 -2.20 18.45 19.55
C ASP B 15 -2.76 17.05 19.46
N ALA B 16 -2.68 16.41 18.30
CA ALA B 16 -3.24 15.08 18.17
C ALA B 16 -2.31 13.99 17.68
N VAL B 17 -1.30 14.35 16.90
CA VAL B 17 -0.37 13.35 16.39
C VAL B 17 1.07 13.86 16.29
N VAL B 18 2.00 12.92 16.21
CA VAL B 18 3.41 13.24 16.00
C VAL B 18 3.53 12.83 14.54
N VAL B 19 4.17 13.64 13.70
CA VAL B 19 4.31 13.32 12.28
C VAL B 19 5.74 13.14 11.80
N ILE B 20 6.07 11.90 11.45
CA ILE B 20 7.41 11.52 10.99
C ILE B 20 7.40 11.42 9.46
N HIS B 21 8.31 12.13 8.83
CA HIS B 21 8.44 12.08 7.37
C HIS B 21 9.64 11.20 7.14
N THR B 22 9.66 10.53 6.00
CA THR B 22 10.76 9.65 5.66
C THR B 22 10.97 9.69 4.17
N SER B 23 12.00 9.00 3.69
CA SER B 23 12.28 8.98 2.26
C SER B 23 11.18 8.18 1.61
N PRO B 24 10.87 8.46 0.34
CA PRO B 24 9.81 7.73 -0.36
C PRO B 24 10.00 6.25 -0.18
N GLY B 25 8.97 5.59 0.30
CA GLY B 25 9.05 4.15 0.50
C GLY B 25 9.40 3.66 1.89
N ALA B 26 10.27 4.37 2.60
CA ALA B 26 10.70 3.95 3.92
C ALA B 26 9.69 4.08 5.05
N ALA B 27 8.51 4.61 4.80
CA ALA B 27 7.54 4.78 5.90
C ALA B 27 7.18 3.49 6.62
N GLN B 28 6.79 2.46 5.87
CA GLN B 28 6.39 1.20 6.48
C GLN B 28 7.51 0.52 7.27
N LEU B 29 8.75 0.77 6.88
CA LEU B 29 9.91 0.19 7.54
C LEU B 29 10.18 0.82 8.92
N ILE B 30 10.17 2.16 8.95
CA ILE B 30 10.40 2.97 10.13
C ILE B 30 9.26 2.86 11.14
N ALA B 31 8.03 2.74 10.64
CA ALA B 31 6.87 2.62 11.51
C ALA B 31 6.96 1.28 12.20
N ARG B 32 7.83 0.41 11.69
CA ARG B 32 8.02 -0.92 12.27
C ARG B 32 8.66 -0.70 13.64
N LEU B 33 9.64 0.20 13.69
CA LEU B 33 10.34 0.51 14.93
C LEU B 33 9.32 1.04 15.93
N LEU B 34 8.53 2.03 15.51
CA LEU B 34 7.53 2.62 16.39
C LEU B 34 6.55 1.59 16.94
N ASP B 35 6.40 0.49 16.20
CA ASP B 35 5.49 -0.56 16.64
C ASP B 35 6.15 -1.47 17.66
N SER B 36 7.46 -1.30 17.87
CA SER B 36 8.17 -2.11 18.85
C SER B 36 7.62 -1.75 20.22
N LEU B 37 7.26 -0.48 20.38
CA LEU B 37 6.67 0.00 21.62
C LEU B 37 5.19 -0.37 21.62
N GLY B 38 4.57 -0.28 22.80
CA GLY B 38 3.17 -0.60 22.93
C GLY B 38 2.50 0.52 23.68
N LYS B 39 1.18 0.41 23.89
CA LYS B 39 0.43 1.44 24.59
C LYS B 39 1.14 1.87 25.88
N ALA B 40 1.85 0.92 26.51
CA ALA B 40 2.57 1.17 27.75
C ALA B 40 3.50 2.39 27.67
N GLU B 41 4.33 2.45 26.63
CA GLU B 41 5.26 3.57 26.45
C GLU B 41 4.46 4.81 26.03
N GLY B 42 3.15 4.65 25.86
CA GLY B 42 2.33 5.78 25.48
C GLY B 42 1.65 5.70 24.13
N ILE B 43 2.28 5.07 23.14
CA ILE B 43 1.69 4.98 21.79
C ILE B 43 0.41 4.15 21.71
N LEU B 44 -0.68 4.79 21.30
CA LEU B 44 -1.94 4.06 21.16
C LEU B 44 -1.66 3.31 19.88
N GLY B 45 -1.65 4.05 18.77
CA GLY B 45 -1.41 3.44 17.49
C GLY B 45 -0.40 4.14 16.60
N THR B 46 -0.14 3.52 15.45
CA THR B 46 0.79 4.05 14.46
C THR B 46 0.28 3.71 13.07
N ILE B 47 0.55 4.56 12.10
CA ILE B 47 0.07 4.35 10.74
C ILE B 47 1.00 5.04 9.73
N ALA B 48 1.60 4.25 8.83
CA ALA B 48 2.51 4.80 7.81
C ALA B 48 1.92 4.65 6.43
N GLY B 49 2.21 5.61 5.56
CA GLY B 49 1.71 5.56 4.20
C GLY B 49 2.85 5.14 3.32
N ASP B 50 3.38 6.08 2.54
CA ASP B 50 4.53 5.82 1.70
C ASP B 50 5.72 6.57 2.26
N ASP B 51 5.51 7.84 2.63
CA ASP B 51 6.57 8.65 3.18
C ASP B 51 6.19 9.46 4.41
N THR B 52 5.03 9.19 4.99
CA THR B 52 4.62 9.93 6.19
C THR B 52 4.14 8.94 7.22
N ILE B 53 4.41 9.20 8.50
CA ILE B 53 3.96 8.34 9.61
C ILE B 53 3.28 9.20 10.66
N PHE B 54 2.05 8.84 11.00
CA PHE B 54 1.26 9.54 12.04
C PHE B 54 1.26 8.59 13.22
N THR B 55 1.70 9.05 14.37
CA THR B 55 1.69 8.20 15.53
C THR B 55 1.00 9.04 16.62
N THR B 56 0.13 8.41 17.41
CA THR B 56 -0.66 9.11 18.41
C THR B 56 -0.46 8.54 19.82
N PRO B 57 -0.71 9.34 20.87
CA PRO B 57 -0.53 8.89 22.26
C PRO B 57 -1.75 8.21 22.88
N ALA B 58 -1.53 7.55 24.01
CA ALA B 58 -2.58 6.86 24.78
C ALA B 58 -2.92 7.81 25.92
N ASN B 59 -3.98 7.51 26.66
CA ASN B 59 -4.36 8.39 27.78
C ASN B 59 -3.31 8.43 28.88
N GLY B 60 -2.98 9.64 29.34
CA GLY B 60 -1.98 9.78 30.38
C GLY B 60 -0.65 10.32 29.86
N PHE B 61 -0.42 10.11 28.57
CA PHE B 61 0.80 10.61 27.95
C PHE B 61 0.26 11.60 26.94
N THR B 62 0.96 12.69 26.72
CA THR B 62 0.49 13.67 25.74
C THR B 62 1.35 13.52 24.52
N VAL B 63 1.15 14.42 23.57
CA VAL B 63 1.94 14.42 22.35
C VAL B 63 3.37 14.82 22.68
N LYS B 64 3.54 15.93 23.41
CA LYS B 64 4.88 16.39 23.76
C LYS B 64 5.63 15.20 24.30
N ASP B 65 4.90 14.39 25.05
CA ASP B 65 5.44 13.16 25.65
C ASP B 65 5.91 12.20 24.55
N LEU B 66 4.99 11.80 23.66
CA LEU B 66 5.27 10.85 22.58
C LEU B 66 6.45 11.30 21.76
N TYR B 67 6.53 12.59 21.49
CA TYR B 67 7.63 13.16 20.71
C TYR B 67 8.97 12.78 21.33
N GLU B 68 9.17 13.21 22.59
CA GLU B 68 10.40 12.93 23.36
C GLU B 68 10.70 11.42 23.30
N ALA B 69 9.65 10.63 23.56
CA ALA B 69 9.72 9.17 23.52
C ALA B 69 10.28 8.70 22.18
N ILE B 70 9.70 9.20 21.10
CA ILE B 70 10.11 8.84 19.74
C ILE B 70 11.56 9.18 19.54
N LEU B 71 11.93 10.38 19.94
CA LEU B 71 13.29 10.82 19.78
C LEU B 71 14.28 9.89 20.46
N GLU B 72 13.91 9.35 21.61
CA GLU B 72 14.78 8.44 22.36
C GLU B 72 15.01 7.12 21.62
N LEU B 73 13.97 6.65 20.96
CA LEU B 73 14.00 5.40 20.23
C LEU B 73 14.84 5.47 18.94
N PHE B 74 14.91 6.67 18.35
CA PHE B 74 15.63 6.90 17.10
C PHE B 74 17.12 7.30 17.22
N PRO C 3 -5.15 13.50 -13.47
CA PRO C 3 -5.84 13.60 -12.18
C PRO C 3 -6.80 14.79 -12.14
N LEU C 4 -8.09 14.52 -12.06
CA LEU C 4 -9.07 15.61 -12.05
C LEU C 4 -9.85 15.66 -10.77
N LYS C 5 -10.43 16.82 -10.51
CA LYS C 5 -11.24 17.04 -9.33
C LYS C 5 -12.22 15.90 -9.21
N ASN C 6 -12.56 15.31 -10.34
CA ASN C 6 -13.51 14.19 -10.36
C ASN C 6 -13.01 13.06 -9.48
N LEU C 7 -11.79 13.19 -8.99
CA LEU C 7 -11.18 12.19 -8.12
C LEU C 7 -11.50 12.45 -6.65
N VAL C 8 -11.48 13.72 -6.26
CA VAL C 8 -11.78 14.11 -4.89
C VAL C 8 -13.29 14.09 -4.68
N LEU C 9 -13.76 13.00 -4.09
CA LEU C 9 -15.18 12.78 -3.82
C LEU C 9 -15.73 13.67 -2.72
N ASP C 10 -14.96 13.90 -1.67
CA ASP C 10 -15.47 14.75 -0.58
C ASP C 10 -14.39 15.25 0.38
N ILE C 11 -14.65 16.40 1.02
CA ILE C 11 -13.76 17.02 2.00
C ILE C 11 -14.57 17.50 3.23
N ASP C 12 -14.06 17.20 4.42
CA ASP C 12 -14.68 17.63 5.67
C ASP C 12 -13.57 17.55 6.68
N TYR C 13 -13.84 17.99 7.92
CA TYR C 13 -12.84 17.96 8.97
C TYR C 13 -13.48 18.01 10.36
N ASN C 14 -12.65 17.85 11.39
CA ASN C 14 -13.09 17.90 12.78
C ASN C 14 -12.02 18.64 13.57
N ASP C 15 -11.82 18.27 14.84
CA ASP C 15 -10.83 18.96 15.70
C ASP C 15 -9.34 18.59 15.55
N ALA C 16 -9.08 17.40 15.03
CA ALA C 16 -7.73 16.92 14.89
C ALA C 16 -7.19 16.75 13.47
N VAL C 17 -8.04 16.34 12.53
CA VAL C 17 -7.63 16.13 11.15
C VAL C 17 -8.60 16.64 10.09
N VAL C 18 -8.07 16.88 8.91
CA VAL C 18 -8.86 17.31 7.76
C VAL C 18 -8.92 16.01 6.96
N VAL C 19 -10.12 15.62 6.52
CA VAL C 19 -10.33 14.36 5.79
C VAL C 19 -10.83 14.55 4.36
N ILE C 20 -10.19 13.85 3.40
CA ILE C 20 -10.53 13.88 1.98
C ILE C 20 -10.90 12.47 1.49
N HIS C 21 -12.03 12.35 0.80
CA HIS C 21 -12.53 11.09 0.23
C HIS C 21 -12.39 11.14 -1.28
N THR C 22 -11.76 10.13 -1.85
CA THR C 22 -11.57 10.13 -3.28
C THR C 22 -12.03 8.85 -3.91
N SER C 23 -11.94 8.80 -5.23
CA SER C 23 -12.29 7.58 -5.95
C SER C 23 -11.30 6.53 -5.43
N PRO C 24 -11.65 5.25 -5.56
CA PRO C 24 -10.74 4.21 -5.08
C PRO C 24 -9.41 4.18 -5.86
N GLY C 25 -8.31 4.09 -5.11
CA GLY C 25 -7.00 4.05 -5.72
C GLY C 25 -6.38 5.41 -5.97
N ALA C 26 -7.18 6.46 -5.87
CA ALA C 26 -6.69 7.81 -6.10
C ALA C 26 -6.13 8.50 -4.88
N ALA C 27 -6.11 7.81 -3.75
CA ALA C 27 -5.64 8.43 -2.51
C ALA C 27 -4.23 8.98 -2.60
N GLN C 28 -3.25 8.10 -2.74
CA GLN C 28 -1.86 8.53 -2.87
C GLN C 28 -1.62 9.65 -3.91
N LEU C 29 -2.39 9.65 -4.99
CA LEU C 29 -2.27 10.63 -6.07
C LEU C 29 -2.71 12.03 -5.68
N ILE C 30 -3.82 12.14 -4.96
CA ILE C 30 -4.33 13.44 -4.52
C ILE C 30 -3.47 13.94 -3.37
N ALA C 31 -2.98 13.00 -2.56
CA ALA C 31 -2.11 13.29 -1.41
C ALA C 31 -0.79 13.91 -1.85
N ARG C 32 -0.10 13.30 -2.81
CA ARG C 32 1.14 13.85 -3.29
C ARG C 32 0.93 15.31 -3.67
N LEU C 33 -0.28 15.65 -4.12
CA LEU C 33 -0.62 17.04 -4.44
C LEU C 33 -0.52 17.92 -3.19
N LEU C 34 -1.07 17.42 -2.08
CA LEU C 34 -1.06 18.11 -0.78
C LEU C 34 0.35 18.24 -0.23
N ASP C 35 1.20 17.25 -0.51
CA ASP C 35 2.59 17.26 -0.05
C ASP C 35 3.38 18.36 -0.73
N SER C 36 2.78 18.99 -1.73
CA SER C 36 3.43 20.07 -2.43
C SER C 36 3.31 21.28 -1.53
N LEU C 37 2.21 21.37 -0.79
CA LEU C 37 1.96 22.48 0.13
C LEU C 37 3.02 22.57 1.18
N GLY C 38 2.78 22.00 2.34
CA GLY C 38 3.82 22.06 3.35
C GLY C 38 3.46 22.79 4.62
N LYS C 39 4.32 22.62 5.62
CA LYS C 39 4.19 23.17 6.96
C LYS C 39 3.98 24.67 7.07
N ALA C 40 4.74 25.43 6.28
CA ALA C 40 4.64 26.87 6.30
C ALA C 40 3.34 27.31 5.64
N GLU C 41 2.68 26.38 4.96
CA GLU C 41 1.41 26.69 4.33
C GLU C 41 0.30 26.10 5.20
N GLY C 42 0.72 25.46 6.31
CA GLY C 42 -0.25 24.91 7.25
C GLY C 42 -0.40 23.43 7.45
N ILE C 43 0.23 22.60 6.61
CA ILE C 43 0.10 21.13 6.67
C ILE C 43 1.28 20.50 7.34
N LEU C 44 1.06 19.89 8.48
CA LEU C 44 2.14 19.29 9.18
C LEU C 44 2.49 18.01 8.49
N GLY C 45 1.47 17.31 8.01
CA GLY C 45 1.67 16.03 7.36
C GLY C 45 0.40 15.51 6.70
N THR C 46 0.54 14.40 5.97
CA THR C 46 -0.59 13.83 5.25
C THR C 46 -0.48 12.33 5.13
N ILE C 47 -1.59 11.63 5.25
CA ILE C 47 -1.59 10.18 5.15
C ILE C 47 -2.76 9.72 4.28
N ALA C 48 -2.44 8.96 3.23
CA ALA C 48 -3.42 8.46 2.26
C ALA C 48 -3.56 6.94 2.31
N GLY C 49 -4.78 6.47 2.12
CA GLY C 49 -5.04 5.05 2.11
C GLY C 49 -5.33 4.65 0.68
N ASP C 50 -6.51 4.07 0.44
CA ASP C 50 -6.96 3.67 -0.90
C ASP C 50 -7.90 4.76 -1.43
N ASP C 51 -8.78 5.24 -0.55
CA ASP C 51 -9.78 6.25 -0.88
C ASP C 51 -10.03 7.33 0.17
N THR C 52 -9.17 7.41 1.18
CA THR C 52 -9.25 8.41 2.24
C THR C 52 -7.88 9.04 2.43
N ILE C 53 -7.87 10.26 2.95
CA ILE C 53 -6.63 10.99 3.17
C ILE C 53 -6.85 11.78 4.46
N PHE C 54 -6.01 11.55 5.45
CA PHE C 54 -6.08 12.29 6.71
C PHE C 54 -4.93 13.29 6.66
N THR C 55 -5.23 14.59 6.66
CA THR C 55 -4.17 15.61 6.66
C THR C 55 -4.33 16.41 7.99
N THR C 56 -3.23 16.91 8.59
CA THR C 56 -3.32 17.61 9.86
C THR C 56 -2.56 18.94 9.92
N PRO C 57 -3.14 19.97 10.57
CA PRO C 57 -2.53 21.29 10.68
C PRO C 57 -1.33 21.39 11.57
N ALA C 58 -0.48 22.34 11.21
CA ALA C 58 0.73 22.64 11.94
C ALA C 58 0.30 23.56 13.09
N ASN C 59 1.25 23.93 13.94
CA ASN C 59 0.96 24.83 15.06
C ASN C 59 0.77 26.22 14.46
N GLY C 60 -0.08 27.04 15.05
CA GLY C 60 -0.31 28.33 14.46
C GLY C 60 -1.52 28.21 13.57
N PHE C 61 -1.88 26.98 13.22
CA PHE C 61 -3.03 26.74 12.36
C PHE C 61 -4.13 25.95 13.04
N THR C 62 -5.34 26.30 12.70
CA THR C 62 -6.50 25.60 13.22
C THR C 62 -6.88 24.58 12.15
N VAL C 63 -7.64 23.55 12.50
CA VAL C 63 -8.08 22.56 11.52
C VAL C 63 -8.86 23.25 10.40
N LYS C 64 -9.59 24.32 10.74
CA LYS C 64 -10.35 25.03 9.72
C LYS C 64 -9.39 25.72 8.75
N ASP C 65 -8.31 26.31 9.27
CA ASP C 65 -7.32 27.01 8.46
C ASP C 65 -6.76 26.14 7.36
N LEU C 66 -6.44 24.90 7.73
CA LEU C 66 -5.91 23.90 6.82
C LEU C 66 -7.00 23.64 5.79
N TYR C 67 -8.21 23.38 6.27
CA TYR C 67 -9.34 23.14 5.39
C TYR C 67 -9.42 24.16 4.28
N GLU C 68 -9.51 25.42 4.63
CA GLU C 68 -9.58 26.46 3.61
C GLU C 68 -8.36 26.45 2.68
N ALA C 69 -7.17 26.20 3.23
CA ALA C 69 -5.94 26.20 2.42
C ALA C 69 -5.92 25.10 1.38
N ILE C 70 -6.44 23.94 1.74
CA ILE C 70 -6.49 22.81 0.82
C ILE C 70 -7.47 23.14 -0.32
N LEU C 71 -8.63 23.70 0.00
CA LEU C 71 -9.61 24.04 -1.04
C LEU C 71 -8.96 24.97 -2.06
N GLU C 72 -8.09 25.85 -1.58
CA GLU C 72 -7.39 26.77 -2.45
C GLU C 72 -6.49 25.96 -3.41
N LEU C 73 -5.76 24.98 -2.88
CA LEU C 73 -4.89 24.12 -3.68
C LEU C 73 -5.67 23.27 -4.67
N PHE C 74 -6.89 22.89 -4.29
CA PHE C 74 -7.75 22.07 -5.13
C PHE C 74 -8.63 23.01 -5.95
N LEU D 4 -11.99 -17.65 5.75
CA LEU D 4 -11.91 -16.46 4.92
C LEU D 4 -12.06 -16.81 3.43
N LYS D 5 -12.85 -17.84 3.15
CA LYS D 5 -13.04 -18.31 1.78
C LYS D 5 -13.73 -17.38 0.78
N ASN D 6 -14.82 -16.73 1.18
CA ASN D 6 -15.52 -15.85 0.25
C ASN D 6 -14.65 -14.68 -0.20
N LEU D 7 -13.51 -14.49 0.45
CA LEU D 7 -12.61 -13.42 0.09
C LEU D 7 -12.08 -13.70 -1.32
N VAL D 8 -11.51 -14.88 -1.53
CA VAL D 8 -10.99 -15.23 -2.85
C VAL D 8 -12.16 -15.37 -3.81
N LEU D 9 -12.09 -14.61 -4.89
CA LEU D 9 -13.11 -14.61 -5.95
C LEU D 9 -12.66 -15.44 -7.15
N ASP D 10 -11.37 -15.78 -7.21
CA ASP D 10 -10.88 -16.53 -8.34
C ASP D 10 -9.43 -16.92 -8.28
N ILE D 11 -9.09 -17.90 -9.12
CA ILE D 11 -7.73 -18.41 -9.30
C ILE D 11 -7.64 -18.86 -10.76
N ASP D 12 -6.45 -18.68 -11.35
CA ASP D 12 -6.17 -19.07 -12.73
C ASP D 12 -4.66 -19.00 -12.91
N TYR D 13 -4.17 -18.97 -14.15
CA TYR D 13 -2.73 -18.91 -14.36
C TYR D 13 -2.35 -18.85 -15.82
N ASN D 14 -1.05 -18.90 -16.08
CA ASN D 14 -0.53 -18.90 -17.44
C ASN D 14 0.95 -19.22 -17.47
N ASP D 15 1.56 -18.99 -18.61
CA ASP D 15 2.98 -19.25 -18.82
C ASP D 15 3.98 -18.49 -17.94
N ALA D 16 3.54 -17.91 -16.80
CA ALA D 16 4.44 -17.15 -15.91
C ALA D 16 4.04 -17.07 -14.41
N VAL D 17 2.77 -16.78 -14.14
CA VAL D 17 2.28 -16.64 -12.78
C VAL D 17 0.93 -17.30 -12.56
N VAL D 18 0.46 -17.18 -11.34
CA VAL D 18 -0.83 -17.69 -10.95
C VAL D 18 -1.54 -16.35 -10.62
N VAL D 19 -2.77 -16.17 -11.08
CA VAL D 19 -3.45 -14.92 -10.81
C VAL D 19 -4.69 -15.10 -9.97
N ILE D 20 -4.61 -14.67 -8.72
CA ILE D 20 -5.72 -14.78 -7.81
C ILE D 20 -6.44 -13.45 -7.76
N HIS D 21 -7.76 -13.52 -7.70
CA HIS D 21 -8.56 -12.31 -7.60
C HIS D 21 -9.23 -12.39 -6.25
N THR D 22 -9.51 -11.23 -5.64
CA THR D 22 -10.12 -11.18 -4.33
C THR D 22 -11.06 -10.01 -4.12
N SER D 23 -11.66 -9.98 -2.95
CA SER D 23 -12.52 -8.88 -2.57
C SER D 23 -11.54 -7.77 -2.20
N PRO D 24 -12.02 -6.50 -2.23
CA PRO D 24 -11.23 -5.31 -1.91
C PRO D 24 -10.47 -5.36 -0.59
N GLY D 25 -9.20 -4.99 -0.62
CA GLY D 25 -8.39 -4.99 0.59
C GLY D 25 -7.90 -6.35 1.06
N ALA D 26 -8.49 -7.40 0.50
CA ALA D 26 -8.13 -8.79 0.86
C ALA D 26 -6.81 -9.25 0.30
N ALA D 27 -6.41 -8.68 -0.82
CA ALA D 27 -5.17 -9.07 -1.48
C ALA D 27 -4.04 -9.39 -0.50
N GLN D 28 -3.91 -8.60 0.56
CA GLN D 28 -2.83 -8.79 1.54
C GLN D 28 -3.07 -9.95 2.51
N LEU D 29 -4.33 -10.17 2.84
CA LEU D 29 -4.71 -11.26 3.74
C LEU D 29 -4.34 -12.55 3.04
N ILE D 30 -5.05 -12.83 1.95
CA ILE D 30 -4.85 -14.01 1.14
C ILE D 30 -3.38 -14.28 0.78
N ALA D 31 -2.68 -13.29 0.27
CA ALA D 31 -1.27 -13.49 -0.07
C ALA D 31 -0.45 -13.82 1.18
N ARG D 32 -0.92 -13.34 2.34
CA ARG D 32 -0.21 -13.62 3.58
C ARG D 32 -0.31 -15.13 3.89
N LEU D 33 -1.46 -15.74 3.56
CA LEU D 33 -1.67 -17.16 3.77
C LEU D 33 -0.76 -17.97 2.84
N LEU D 34 -0.65 -17.57 1.58
CA LEU D 34 0.22 -18.27 0.64
C LEU D 34 1.70 -18.08 0.94
N ASP D 35 2.04 -17.22 1.91
CA ASP D 35 3.44 -16.99 2.27
C ASP D 35 4.00 -18.02 3.26
N SER D 36 3.11 -18.82 3.85
CA SER D 36 3.52 -19.84 4.82
C SER D 36 4.22 -21.01 4.13
N LEU D 37 3.65 -21.44 3.00
CA LEU D 37 4.17 -22.54 2.19
C LEU D 37 5.68 -22.50 2.00
N GLY D 38 6.16 -21.57 1.18
CA GLY D 38 7.58 -21.46 0.92
C GLY D 38 8.00 -22.17 -0.36
N LYS D 39 9.25 -21.97 -0.76
CA LYS D 39 9.80 -22.56 -1.98
C LYS D 39 9.59 -24.07 -2.10
N ALA D 40 9.73 -24.78 -0.99
CA ALA D 40 9.56 -26.23 -1.00
C ALA D 40 8.13 -26.65 -1.38
N GLU D 41 7.22 -25.68 -1.41
CA GLU D 41 5.84 -25.94 -1.77
C GLU D 41 5.65 -25.50 -3.22
N GLY D 42 6.75 -25.11 -3.85
CA GLY D 42 6.69 -24.65 -5.21
C GLY D 42 6.93 -23.16 -5.33
N ILE D 43 6.23 -22.35 -4.52
CA ILE D 43 6.34 -20.88 -4.54
C ILE D 43 7.72 -20.22 -4.46
N LEU D 44 7.96 -19.30 -5.41
CA LEU D 44 9.21 -18.56 -5.49
C LEU D 44 8.96 -17.25 -4.76
N GLY D 45 7.74 -16.74 -4.87
CA GLY D 45 7.43 -15.50 -4.22
C GLY D 45 5.96 -15.23 -4.39
N THR D 46 5.45 -14.18 -3.72
CA THR D 46 4.04 -13.81 -3.81
C THR D 46 3.94 -12.30 -3.61
N ILE D 47 3.18 -11.63 -4.46
CA ILE D 47 2.97 -10.19 -4.38
C ILE D 47 1.47 -9.95 -4.35
N ALA D 48 1.03 -8.84 -3.76
CA ALA D 48 -0.38 -8.55 -3.70
C ALA D 48 -0.63 -7.06 -3.81
N GLY D 49 -1.62 -6.70 -4.62
CA GLY D 49 -1.98 -5.30 -4.75
C GLY D 49 -3.14 -5.02 -3.82
N ASP D 50 -4.23 -4.47 -4.35
CA ASP D 50 -5.40 -4.22 -3.52
C ASP D 50 -6.41 -5.35 -3.58
N ASP D 51 -6.48 -6.05 -4.70
CA ASP D 51 -7.42 -7.16 -4.85
C ASP D 51 -6.92 -8.30 -5.73
N THR D 52 -5.66 -8.26 -6.12
CA THR D 52 -5.11 -9.28 -6.98
C THR D 52 -3.73 -9.66 -6.48
N ILE D 53 -3.47 -10.96 -6.42
CA ILE D 53 -2.17 -11.50 -5.97
C ILE D 53 -1.54 -12.02 -7.27
N PHE D 54 -0.23 -12.21 -7.29
CA PHE D 54 0.47 -12.73 -8.46
C PHE D 54 1.47 -13.66 -7.83
N THR D 55 1.29 -14.96 -7.94
CA THR D 55 2.29 -15.83 -7.37
C THR D 55 2.95 -16.62 -8.49
N THR D 56 4.15 -17.14 -8.20
CA THR D 56 4.95 -17.82 -9.20
C THR D 56 5.74 -19.00 -8.63
N PRO D 57 5.72 -20.15 -9.34
CA PRO D 57 6.44 -21.37 -8.93
C PRO D 57 7.97 -21.17 -9.08
N ALA D 58 8.75 -21.87 -8.27
CA ALA D 58 10.20 -21.72 -8.29
C ALA D 58 10.88 -22.71 -9.21
N ASN D 59 12.20 -22.56 -9.34
CA ASN D 59 12.97 -23.47 -10.19
C ASN D 59 12.62 -24.91 -9.84
N GLY D 60 12.03 -25.60 -10.80
CA GLY D 60 11.64 -26.98 -10.59
C GLY D 60 10.19 -27.07 -10.21
N PHE D 61 9.34 -26.26 -10.85
CA PHE D 61 7.92 -26.28 -10.58
C PHE D 61 7.15 -25.68 -11.72
N THR D 62 5.95 -26.22 -11.97
CA THR D 62 5.10 -25.72 -13.06
C THR D 62 4.01 -24.84 -12.47
N VAL D 63 3.59 -23.86 -13.27
CA VAL D 63 2.53 -22.93 -12.90
C VAL D 63 1.24 -23.69 -12.55
N LYS D 64 0.84 -24.60 -13.44
CA LYS D 64 -0.38 -25.41 -13.24
C LYS D 64 -0.26 -26.17 -11.92
N ASP D 65 0.90 -26.80 -11.71
CA ASP D 65 1.15 -27.55 -10.49
C ASP D 65 0.82 -26.62 -9.33
N LEU D 66 1.47 -25.46 -9.36
CA LEU D 66 1.33 -24.42 -8.34
C LEU D 66 -0.15 -24.06 -8.19
N TYR D 67 -0.85 -23.99 -9.32
CA TYR D 67 -2.27 -23.67 -9.35
C TYR D 67 -3.04 -24.71 -8.58
N GLU D 68 -2.59 -25.95 -8.71
CA GLU D 68 -3.21 -27.08 -8.03
C GLU D 68 -2.84 -26.98 -6.54
N ALA D 69 -1.57 -26.70 -6.27
CA ALA D 69 -1.08 -26.56 -4.90
C ALA D 69 -1.85 -25.52 -4.09
N ILE D 70 -2.04 -24.33 -4.67
CA ILE D 70 -2.79 -23.29 -3.98
C ILE D 70 -4.19 -23.83 -3.74
N LEU D 71 -4.75 -24.49 -4.76
CA LEU D 71 -6.07 -25.09 -4.64
C LEU D 71 -6.06 -26.13 -3.50
N GLU D 72 -4.88 -26.61 -3.14
CA GLU D 72 -4.71 -27.59 -2.08
C GLU D 72 -4.88 -26.84 -0.76
N LEU D 73 -4.17 -25.73 -0.63
CA LEU D 73 -4.25 -24.93 0.58
C LEU D 73 -5.24 -23.81 0.39
N PHE D 74 -6.41 -24.16 -0.16
CA PHE D 74 -7.50 -23.22 -0.41
C PHE D 74 -8.82 -23.95 -0.19
N LEU E 4 -6.05 11.46 -15.97
CA LEU E 4 -5.22 11.89 -17.08
C LEU E 4 -4.18 10.84 -17.49
N LYS E 5 -4.10 10.53 -18.77
CA LYS E 5 -3.13 9.56 -19.23
C LYS E 5 -1.70 10.12 -19.22
N ASN E 6 -1.52 11.34 -18.72
CA ASN E 6 -0.18 11.89 -18.59
C ASN E 6 0.45 11.24 -17.35
N LEU E 7 -0.41 10.71 -16.47
CA LEU E 7 -0.01 10.01 -15.24
C LEU E 7 0.58 8.67 -15.66
N VAL E 8 0.49 8.36 -16.94
CA VAL E 8 1.00 7.11 -17.48
C VAL E 8 2.18 7.44 -18.37
N LEU E 9 3.37 7.31 -17.79
CA LEU E 9 4.64 7.60 -18.43
C LEU E 9 5.20 6.72 -19.55
N ASP E 10 5.17 5.42 -19.37
CA ASP E 10 5.71 4.56 -20.40
C ASP E 10 5.06 3.16 -20.37
N ILE E 11 5.04 2.49 -21.53
CA ILE E 11 4.47 1.14 -21.63
C ILE E 11 5.49 0.29 -22.42
N ASP E 12 5.68 -0.96 -22.04
CA ASP E 12 6.61 -1.85 -22.71
C ASP E 12 6.25 -3.25 -22.21
N TYR E 13 6.86 -4.27 -22.80
CA TYR E 13 6.52 -5.62 -22.40
C TYR E 13 7.67 -6.58 -22.67
N ASN E 14 7.41 -7.83 -22.36
CA ASN E 14 8.39 -8.86 -22.55
C ASN E 14 7.63 -10.19 -22.63
N ASP E 15 8.36 -11.29 -22.54
CA ASP E 15 7.80 -12.64 -22.64
C ASP E 15 7.03 -13.06 -21.38
N ALA E 16 6.51 -12.11 -20.60
CA ALA E 16 5.78 -12.47 -19.37
C ALA E 16 4.69 -11.50 -18.89
N VAL E 17 4.91 -10.19 -18.99
CA VAL E 17 3.91 -9.22 -18.53
C VAL E 17 3.99 -7.92 -19.31
N VAL E 18 3.00 -7.05 -19.17
CA VAL E 18 3.11 -5.75 -19.83
C VAL E 18 3.43 -4.87 -18.61
N VAL E 19 4.44 -4.00 -18.74
CA VAL E 19 4.86 -3.13 -17.64
C VAL E 19 4.52 -1.64 -17.88
N ILE E 20 3.62 -1.09 -17.06
CA ILE E 20 3.20 0.30 -17.19
C ILE E 20 3.77 1.21 -16.11
N HIS E 21 4.74 2.05 -16.47
CA HIS E 21 5.35 2.98 -15.55
C HIS E 21 4.54 4.24 -15.54
N THR E 22 4.02 4.61 -14.37
CA THR E 22 3.20 5.80 -14.21
C THR E 22 3.84 6.80 -13.24
N SER E 23 3.20 7.94 -13.04
CA SER E 23 3.70 8.95 -12.13
C SER E 23 3.58 8.37 -10.75
N PRO E 24 4.35 8.90 -9.80
CA PRO E 24 4.31 8.40 -8.43
C PRO E 24 2.90 8.41 -7.83
N GLY E 25 2.48 7.26 -7.27
CA GLY E 25 1.17 7.11 -6.67
C GLY E 25 0.05 6.75 -7.64
N ALA E 26 0.24 7.06 -8.90
CA ALA E 26 -0.77 6.80 -9.90
C ALA E 26 -1.01 5.34 -10.20
N ALA E 27 -0.11 4.46 -9.80
CA ALA E 27 -0.24 3.04 -10.11
C ALA E 27 -1.49 2.30 -9.71
N GLN E 28 -2.18 2.70 -8.66
CA GLN E 28 -3.41 2.00 -8.26
C GLN E 28 -4.61 2.48 -9.06
N LEU E 29 -4.60 3.76 -9.41
CA LEU E 29 -5.69 4.34 -10.19
C LEU E 29 -5.71 3.71 -11.57
N ILE E 30 -4.60 3.84 -12.30
CA ILE E 30 -4.51 3.31 -13.65
C ILE E 30 -4.65 1.80 -13.77
N ALA E 31 -4.32 1.06 -12.73
CA ALA E 31 -4.51 -0.37 -12.82
C ALA E 31 -6.02 -0.59 -12.73
N ARG E 32 -6.71 0.31 -12.05
CA ARG E 32 -8.17 0.21 -11.91
C ARG E 32 -8.85 0.35 -13.28
N LEU E 33 -8.18 1.02 -14.21
CA LEU E 33 -8.67 1.24 -15.57
C LEU E 33 -8.52 -0.03 -16.39
N LEU E 34 -7.38 -0.69 -16.21
CA LEU E 34 -7.15 -1.95 -16.89
C LEU E 34 -8.10 -2.95 -16.25
N ASP E 35 -8.47 -2.69 -15.00
CA ASP E 35 -9.37 -3.57 -14.26
C ASP E 35 -10.78 -3.57 -14.79
N SER E 36 -11.08 -2.65 -15.69
CA SER E 36 -12.41 -2.63 -16.28
C SER E 36 -12.34 -3.29 -17.66
N LEU E 37 -11.59 -4.39 -17.74
CA LEU E 37 -11.45 -5.18 -18.96
C LEU E 37 -11.55 -6.66 -18.58
N GLY E 38 -10.43 -7.26 -18.17
CA GLY E 38 -10.46 -8.65 -17.77
C GLY E 38 -10.24 -9.71 -18.85
N LYS E 39 -10.57 -10.96 -18.50
CA LYS E 39 -10.41 -12.16 -19.34
C LYS E 39 -10.95 -12.10 -20.79
N ALA E 40 -12.19 -11.64 -20.95
CA ALA E 40 -12.82 -11.58 -22.26
C ALA E 40 -11.99 -10.75 -23.24
N GLU E 41 -11.15 -9.90 -22.70
CA GLU E 41 -10.35 -9.02 -23.52
C GLU E 41 -8.90 -9.49 -23.45
N GLY E 42 -8.65 -10.57 -22.71
CA GLY E 42 -7.31 -11.11 -22.62
C GLY E 42 -6.47 -10.80 -21.38
N ILE E 43 -7.01 -10.03 -20.46
CA ILE E 43 -6.26 -9.73 -19.27
C ILE E 43 -6.45 -10.84 -18.23
N LEU E 44 -5.37 -11.48 -17.79
CA LEU E 44 -5.48 -12.46 -16.74
C LEU E 44 -5.56 -11.58 -15.49
N GLY E 45 -4.45 -10.95 -15.13
CA GLY E 45 -4.44 -10.10 -13.95
C GLY E 45 -3.57 -8.87 -14.10
N THR E 46 -3.67 -7.98 -13.13
CA THR E 46 -2.93 -6.73 -13.09
C THR E 46 -2.65 -6.34 -11.63
N ILE E 47 -1.38 -6.33 -11.27
CA ILE E 47 -0.99 -5.98 -9.92
C ILE E 47 -0.21 -4.68 -10.06
N ALA E 48 -0.43 -3.74 -9.15
CA ALA E 48 0.21 -2.44 -9.22
C ALA E 48 0.82 -1.97 -7.93
N GLY E 49 2.03 -1.42 -8.00
CA GLY E 49 2.70 -0.91 -6.81
C GLY E 49 2.43 0.58 -6.61
N ASP E 50 3.48 1.40 -6.54
CA ASP E 50 3.29 2.83 -6.36
C ASP E 50 3.38 3.55 -7.68
N ASP E 51 4.19 3.04 -8.60
CA ASP E 51 4.32 3.66 -9.91
C ASP E 51 4.55 2.68 -11.05
N THR E 52 4.50 1.39 -10.75
CA THR E 52 4.65 0.38 -11.78
C THR E 52 3.41 -0.48 -11.72
N ILE E 53 3.04 -1.07 -12.85
CA ILE E 53 1.89 -1.93 -12.96
C ILE E 53 2.38 -3.10 -13.81
N PHE E 54 1.98 -4.33 -13.47
CA PHE E 54 2.35 -5.55 -14.21
C PHE E 54 1.05 -6.25 -14.59
N THR E 55 0.83 -6.48 -15.88
CA THR E 55 -0.38 -7.15 -16.35
C THR E 55 0.02 -8.38 -17.14
N THR E 56 -0.91 -9.32 -17.29
CA THR E 56 -0.61 -10.54 -18.03
C THR E 56 -1.76 -10.95 -18.93
N PRO E 57 -1.43 -11.57 -20.10
CA PRO E 57 -2.41 -12.05 -21.07
C PRO E 57 -2.97 -13.37 -20.57
N ALA E 58 -4.24 -13.63 -20.84
CA ALA E 58 -4.84 -14.87 -20.39
C ALA E 58 -4.29 -16.04 -21.20
N ASN E 59 -5.21 -16.91 -21.62
CA ASN E 59 -4.84 -18.03 -22.42
C ASN E 59 -5.39 -17.68 -23.77
N GLY E 60 -4.67 -18.11 -24.80
CA GLY E 60 -5.08 -17.83 -26.16
C GLY E 60 -4.63 -16.46 -26.65
N PHE E 61 -4.16 -15.64 -25.71
CA PHE E 61 -3.69 -14.29 -26.00
C PHE E 61 -2.23 -14.15 -25.66
N THR E 62 -1.55 -13.31 -26.44
CA THR E 62 -0.14 -13.05 -26.28
C THR E 62 0.13 -11.69 -25.63
N VAL E 63 1.25 -11.61 -24.94
CA VAL E 63 1.64 -10.39 -24.29
C VAL E 63 1.61 -9.28 -25.32
N LYS E 64 2.02 -9.57 -26.54
CA LYS E 64 2.04 -8.56 -27.59
C LYS E 64 0.62 -8.05 -27.89
N ASP E 65 -0.33 -8.97 -27.94
CA ASP E 65 -1.73 -8.61 -28.22
C ASP E 65 -2.26 -7.71 -27.12
N LEU E 66 -1.77 -7.99 -25.92
CA LEU E 66 -2.12 -7.23 -24.73
C LEU E 66 -1.44 -5.86 -24.81
N TYR E 67 -0.17 -5.79 -25.19
CA TYR E 67 0.50 -4.50 -25.28
C TYR E 67 -0.28 -3.57 -26.20
N GLU E 68 -0.83 -4.14 -27.28
CA GLU E 68 -1.60 -3.34 -28.23
C GLU E 68 -2.93 -2.88 -27.61
N ALA E 69 -3.69 -3.85 -27.08
CA ALA E 69 -4.97 -3.57 -26.46
C ALA E 69 -4.86 -2.55 -25.34
N ILE E 70 -3.74 -2.57 -24.63
CA ILE E 70 -3.47 -1.65 -23.53
C ILE E 70 -3.35 -0.23 -24.05
N LEU E 71 -2.75 -0.07 -25.23
CA LEU E 71 -2.66 1.26 -25.80
C LEU E 71 -4.08 1.64 -26.25
N GLU E 72 -4.85 0.66 -26.74
CA GLU E 72 -6.22 0.90 -27.20
C GLU E 72 -7.14 1.26 -26.04
N LEU E 73 -6.82 0.75 -24.87
CA LEU E 73 -7.59 1.08 -23.70
C LEU E 73 -7.19 2.54 -23.47
N PHE E 74 -5.97 2.89 -23.85
CA PHE E 74 -5.47 4.24 -23.68
C PHE E 74 -5.61 5.04 -24.96
N LEU F 4 20.47 -1.70 5.65
CA LEU F 4 19.89 -1.83 4.33
C LEU F 4 20.80 -2.76 3.52
N LYS F 5 20.35 -4.01 3.42
CA LYS F 5 21.02 -5.11 2.73
C LYS F 5 20.66 -6.26 3.61
N ASN F 6 20.65 -5.99 4.92
CA ASN F 6 20.26 -6.96 5.93
C ASN F 6 18.73 -6.99 5.92
N LEU F 7 18.15 -6.14 5.07
CA LEU F 7 16.73 -6.04 4.92
C LEU F 7 16.32 -7.01 3.81
N VAL F 8 17.27 -7.26 2.90
CA VAL F 8 17.09 -8.17 1.74
C VAL F 8 17.26 -9.61 2.22
N LEU F 9 16.15 -10.34 2.37
CA LEU F 9 16.22 -11.72 2.82
C LEU F 9 16.89 -12.67 1.85
N ASP F 10 16.54 -12.57 0.57
CA ASP F 10 17.17 -13.41 -0.44
C ASP F 10 16.86 -12.97 -1.85
N ILE F 11 17.56 -13.57 -2.79
CA ILE F 11 17.41 -13.25 -4.19
C ILE F 11 17.60 -14.49 -5.05
N ASP F 12 16.50 -15.00 -5.58
CA ASP F 12 16.51 -16.18 -6.45
C ASP F 12 15.72 -15.73 -7.68
N TYR F 13 15.30 -16.66 -8.52
CA TYR F 13 14.52 -16.32 -9.71
C TYR F 13 14.02 -17.54 -10.48
N ASN F 14 13.52 -17.26 -11.66
CA ASN F 14 13.01 -18.29 -12.53
C ASN F 14 12.85 -17.77 -13.96
N ASP F 15 12.01 -18.47 -14.70
CA ASP F 15 11.73 -18.16 -16.09
C ASP F 15 11.30 -16.73 -16.40
N ALA F 16 10.43 -16.17 -15.57
CA ALA F 16 9.91 -14.85 -15.83
C ALA F 16 10.41 -13.69 -15.00
N VAL F 17 10.38 -13.85 -13.69
CA VAL F 17 10.74 -12.78 -12.76
C VAL F 17 11.94 -13.11 -11.87
N VAL F 18 12.38 -12.13 -11.08
CA VAL F 18 13.49 -12.31 -10.12
C VAL F 18 12.90 -11.89 -8.78
N VAL F 19 12.51 -12.87 -7.96
CA VAL F 19 11.89 -12.60 -6.68
C VAL F 19 12.85 -12.30 -5.53
N ILE F 20 12.76 -11.08 -5.01
CA ILE F 20 13.57 -10.62 -3.86
C ILE F 20 12.69 -10.58 -2.61
N HIS F 21 13.09 -11.34 -1.61
CA HIS F 21 12.36 -11.34 -0.37
C HIS F 21 13.09 -10.41 0.58
N THR F 22 12.32 -9.66 1.36
CA THR F 22 12.84 -8.69 2.33
C THR F 22 12.15 -8.79 3.67
N SER F 23 12.67 -7.99 4.60
CA SER F 23 12.11 -7.90 5.93
C SER F 23 10.80 -7.19 5.66
N PRO F 24 9.81 -7.36 6.54
CA PRO F 24 8.52 -6.69 6.33
C PRO F 24 8.74 -5.17 6.20
N GLY F 25 7.95 -4.53 5.35
CA GLY F 25 8.10 -3.10 5.17
C GLY F 25 9.30 -2.70 4.32
N ALA F 26 10.36 -3.49 4.37
CA ALA F 26 11.52 -3.18 3.57
C ALA F 26 11.22 -3.16 2.06
N ALA F 27 10.26 -3.97 1.63
CA ALA F 27 9.90 -4.09 0.21
C ALA F 27 10.07 -2.86 -0.64
N GLN F 28 9.16 -1.90 -0.46
CA GLN F 28 9.16 -0.65 -1.22
C GLN F 28 10.48 0.10 -1.28
N LEU F 29 11.30 -0.04 -0.25
CA LEU F 29 12.60 0.65 -0.22
C LEU F 29 13.58 -0.03 -1.17
N ILE F 30 13.72 -1.33 -1.03
CA ILE F 30 14.62 -2.07 -1.89
C ILE F 30 14.16 -1.91 -3.33
N ALA F 31 12.86 -2.04 -3.58
CA ALA F 31 12.36 -1.89 -4.95
C ALA F 31 12.69 -0.51 -5.49
N ARG F 32 12.62 0.51 -4.65
CA ARG F 32 12.94 1.85 -5.12
C ARG F 32 14.41 1.92 -5.45
N LEU F 33 15.17 0.96 -4.94
CA LEU F 33 16.59 0.89 -5.22
C LEU F 33 16.74 0.36 -6.64
N LEU F 34 16.06 -0.75 -6.95
CA LEU F 34 16.07 -1.34 -8.29
C LEU F 34 15.59 -0.29 -9.29
N ASP F 35 14.63 0.52 -8.89
CA ASP F 35 14.11 1.56 -9.77
C ASP F 35 15.18 2.59 -10.13
N SER F 36 16.33 2.54 -9.45
CA SER F 36 17.42 3.48 -9.71
C SER F 36 18.13 3.02 -10.97
N LEU F 37 18.02 1.71 -11.22
CA LEU F 37 18.62 1.08 -12.38
C LEU F 37 17.88 1.50 -13.65
N GLY F 38 16.72 0.89 -13.90
CA GLY F 38 15.95 1.22 -15.09
C GLY F 38 16.23 0.30 -16.28
N LYS F 39 15.48 0.52 -17.35
CA LYS F 39 15.58 -0.29 -18.56
C LYS F 39 17.01 -0.60 -18.97
N ALA F 40 17.80 0.46 -19.09
CA ALA F 40 19.19 0.39 -19.53
C ALA F 40 20.09 -0.70 -18.94
N GLU F 41 19.77 -1.15 -17.73
CA GLU F 41 20.58 -2.17 -17.07
C GLU F 41 19.92 -3.55 -17.16
N GLY F 42 18.89 -3.63 -17.99
CA GLY F 42 18.17 -4.88 -18.19
C GLY F 42 16.94 -5.07 -17.35
N ILE F 43 16.46 -3.97 -16.77
CA ILE F 43 15.28 -4.01 -15.91
C ILE F 43 14.13 -3.32 -16.63
N LEU F 44 13.03 -4.06 -16.80
CA LEU F 44 11.82 -3.57 -17.47
C LEU F 44 11.04 -2.72 -16.47
N GLY F 45 10.67 -3.35 -15.36
CA GLY F 45 9.90 -2.71 -14.29
C GLY F 45 9.89 -3.55 -13.02
N THR F 46 9.63 -2.89 -11.88
CA THR F 46 9.60 -3.57 -10.58
C THR F 46 8.35 -3.22 -9.78
N ILE F 47 7.90 -4.14 -8.93
CA ILE F 47 6.74 -3.92 -8.08
C ILE F 47 6.94 -4.66 -6.75
N ALA F 48 6.79 -3.91 -5.65
CA ALA F 48 6.95 -4.46 -4.31
C ALA F 48 5.64 -4.48 -3.56
N GLY F 49 5.47 -5.45 -2.68
CA GLY F 49 4.25 -5.55 -1.90
C GLY F 49 4.65 -5.03 -0.54
N ASP F 50 4.73 -5.92 0.45
CA ASP F 50 5.15 -5.53 1.79
C ASP F 50 6.55 -6.09 2.01
N ASP F 51 6.78 -7.33 1.64
CA ASP F 51 8.12 -7.91 1.81
C ASP F 51 8.59 -8.76 0.65
N THR F 52 8.07 -8.47 -0.54
CA THR F 52 8.45 -9.22 -1.74
C THR F 52 8.59 -8.22 -2.88
N ILE F 53 9.53 -8.49 -3.80
CA ILE F 53 9.79 -7.64 -4.95
C ILE F 53 9.90 -8.45 -6.23
N PHE F 54 8.91 -8.34 -7.11
CA PHE F 54 8.94 -9.04 -8.38
C PHE F 54 9.51 -8.13 -9.43
N THR F 55 10.59 -8.56 -10.07
CA THR F 55 11.16 -7.74 -11.11
C THR F 55 11.20 -8.58 -12.39
N THR F 56 11.41 -7.92 -13.52
CA THR F 56 11.42 -8.55 -14.83
C THR F 56 12.45 -7.89 -15.78
N PRO F 57 13.27 -8.70 -16.47
CA PRO F 57 14.30 -8.19 -17.38
C PRO F 57 13.71 -7.63 -18.63
N ALA F 58 14.50 -6.80 -19.31
CA ALA F 58 14.06 -6.22 -20.56
C ALA F 58 14.60 -7.05 -21.74
N ASN F 59 13.92 -7.00 -22.87
CA ASN F 59 14.34 -7.72 -24.06
C ASN F 59 15.83 -7.45 -24.32
N GLY F 60 16.64 -8.50 -24.32
CA GLY F 60 18.07 -8.32 -24.52
C GLY F 60 18.87 -8.89 -23.36
N PHE F 61 18.17 -9.26 -22.28
CA PHE F 61 18.79 -9.88 -21.09
C PHE F 61 17.76 -10.88 -20.62
N THR F 62 18.23 -12.02 -20.12
CA THR F 62 17.37 -13.08 -19.63
C THR F 62 17.16 -12.87 -18.14
N VAL F 63 16.54 -13.85 -17.47
CA VAL F 63 16.31 -13.76 -16.04
C VAL F 63 17.59 -13.93 -15.22
N LYS F 64 18.51 -14.78 -15.69
CA LYS F 64 19.79 -15.01 -15.01
C LYS F 64 20.50 -13.67 -14.93
N ASP F 65 20.63 -13.05 -16.09
CA ASP F 65 21.28 -11.77 -16.23
C ASP F 65 20.74 -10.70 -15.27
N LEU F 66 19.40 -10.61 -15.16
CA LEU F 66 18.76 -9.65 -14.27
C LEU F 66 19.28 -9.95 -12.89
N TYR F 67 19.17 -11.22 -12.50
CA TYR F 67 19.65 -11.69 -11.21
C TYR F 67 21.10 -11.26 -10.95
N GLU F 68 22.00 -11.50 -11.91
CA GLU F 68 23.39 -11.11 -11.74
C GLU F 68 23.53 -9.63 -11.46
N ALA F 69 22.88 -8.81 -12.28
CA ALA F 69 22.96 -7.35 -12.12
C ALA F 69 22.27 -6.84 -10.86
N ILE F 70 21.41 -7.67 -10.26
CA ILE F 70 20.75 -7.28 -9.02
C ILE F 70 21.69 -7.56 -7.86
N LEU F 71 22.37 -8.70 -7.92
CA LEU F 71 23.34 -9.00 -6.89
C LEU F 71 24.43 -7.96 -7.07
N GLU F 72 24.57 -7.47 -8.31
CA GLU F 72 25.55 -6.43 -8.62
C GLU F 72 25.18 -5.16 -7.87
N LEU F 73 23.94 -4.71 -8.06
CA LEU F 73 23.42 -3.50 -7.41
C LEU F 73 23.53 -3.63 -5.91
N PHE F 74 23.25 -4.83 -5.41
CA PHE F 74 23.32 -5.12 -3.99
C PHE F 74 24.73 -5.54 -3.57
N ARG G . -10.60 3.95 3.42
CA ARG G . -9.77 2.97 4.16
C ARG G . -8.34 3.18 3.77
O ARG G . -7.48 2.48 4.33
CB ARG G . -10.19 1.55 3.79
CG ARG G . -10.15 1.23 2.32
CD ARG G . -10.51 -0.21 2.07
NE ARG G . -10.71 -0.47 0.65
CZ ARG G . -9.78 -0.97 -0.15
NH1 ARG G . -8.59 -1.30 0.33
NH2 ARG G . -10.03 -1.11 -1.45
OXT ARG G . -8.11 4.04 2.89
N ARG H . 1.36 0.02 11.87
CA ARG H . 1.82 0.58 10.57
C ARG H . 0.80 0.26 9.50
O ARG H . -0.10 -0.54 9.79
CB ARG H . 3.18 -0.01 10.19
CG ARG H . 3.18 -1.53 10.03
CD ARG H . 4.48 -2.04 9.43
NE ARG H . 4.47 -3.50 9.30
CZ ARG H . 4.52 -4.16 8.16
NH1 ARG H . 4.59 -3.52 7.01
NH2 ARG H . 4.48 -5.48 8.16
OXT ARG H . 0.92 0.79 8.38
N ARG I . 2.20 11.64 1.90
CA ARG I . 1.21 10.62 1.48
C ARG I . 1.55 9.30 2.15
O ARG I . 0.65 8.49 2.39
CB ARG I . 1.21 10.46 -0.02
CG ARG I . 2.55 10.06 -0.60
CD ARG I . 2.50 10.15 -2.13
NE ARG I . 3.67 9.51 -2.74
CZ ARG I . 3.65 8.28 -3.26
NH1 ARG I . 2.52 7.58 -3.20
NH2 ARG I . 4.73 7.77 -3.85
OXT ARG I . 2.72 9.10 2.48
N ARG J . -5.83 -4.82 -9.51
CA ARG J . -4.81 -3.81 -9.11
C ARG J . -4.30 -4.11 -7.71
O ARG J . -3.48 -3.31 -7.20
CB ARG J . -5.42 -2.43 -9.13
CG ARG J . -6.49 -2.22 -8.11
CD ARG J . -6.95 -0.80 -8.23
NE ARG J . -8.03 -0.46 -7.32
CZ ARG J . -7.87 -0.12 -6.05
NH1 ARG J . -6.66 -0.06 -5.53
NH2 ARG J . -8.91 0.23 -5.32
OXT ARG J . -4.72 -5.11 -7.12
N ARG K . 4.39 -11.01 0.31
CA ARG K . 3.18 -10.25 -0.07
C ARG K . 3.51 -8.82 -0.45
O ARG K . 4.71 -8.52 -0.64
CB ARG K . 2.15 -10.28 1.05
CG ARG K . 2.74 -10.10 2.43
CD ARG K . 1.76 -9.40 3.34
NE ARG K . 2.35 -9.12 4.64
CZ ARG K . 1.87 -8.25 5.52
NH1 ARG K . 0.79 -7.55 5.26
NH2 ARG K . 2.49 -8.10 6.70
OXT ARG K . 2.58 -7.98 -0.52
N ARG L . 8.48 0.42 -8.60
CA ARG L . 8.05 -0.23 -7.33
C ARG L . 6.53 -0.21 -7.13
O ARG L . 6.08 -0.86 -6.18
CB ARG L . 8.72 0.44 -6.14
CG ARG L . 8.38 1.93 -6.01
CD ARG L . 9.03 2.55 -4.79
NE ARG L . 8.71 3.96 -4.59
CZ ARG L . 7.95 4.39 -3.61
NH1 ARG L . 7.44 3.52 -2.77
NH2 ARG L . 7.72 5.69 -3.45
OXT ARG L . 5.82 0.44 -7.92
#